data_5HKM
#
_entry.id   5HKM
#
_cell.length_a   124.470
_cell.length_b   124.470
_cell.length_c   47.130
_cell.angle_alpha   90.000
_cell.angle_beta   90.000
_cell.angle_gamma   120.000
#
_symmetry.space_group_name_H-M   'P 32 2 1'
#
loop_
_entity.id
_entity.type
_entity.pdbx_description
1 polymer '3-phosphoinositide-dependent protein kinase 1'
2 non-polymer 'SULFATE ION'
3 non-polymer 4-ethyl-6-[5-(1H-pyrazol-4-yl)-1H-pyrrolo[2,3-b]pyridin-3-yl]pyrimidin-2-amine
4 water water
#
_entity_poly.entity_id   1
_entity_poly.type   'polypeptide(L)'
_entity_poly.pdbx_seq_one_letter_code
;MDGTAAEPRPGAGSLQHAQPPPQPRKKRPEDFKFGKILGEGSFSTVVLARELATSREYAIKILEKRHIIKENKVPYVTRE
RDVMSRLDHPFFVKLYFTFQDDEKLYFGLSYAKNGELLKYIRKIGSFDETCTRFYTAEIVSALEYLHGKGIIHRDLKPEN
ILLNEDMHIQITDFGTAKVLSPESKQARAN(SEP)FVGTAQYVSPELLTEKSACKSSDLWALGCIIYQLVAGLPPFRAGN
EYLIFQKIIKLEYDFPEKFFPKARDLVEKLLVLDATKRLGCEEMEGYGPLKAHPFFESVTWENLHQQTPPKLT
;
_entity_poly.pdbx_strand_id   A
#
# COMPACT_ATOMS: atom_id res chain seq x y z
N LYS A 26 -18.27 -5.15 23.80
CA LYS A 26 -16.82 -5.26 23.59
C LYS A 26 -16.40 -6.73 23.45
N LYS A 27 -15.55 -7.02 22.46
CA LYS A 27 -15.04 -8.37 22.15
C LYS A 27 -13.84 -8.76 22.97
N ARG A 28 -13.66 -10.07 23.18
CA ARG A 28 -12.61 -10.67 24.02
C ARG A 28 -11.81 -11.73 23.24
N PRO A 29 -10.60 -12.17 23.72
CA PRO A 29 -9.86 -13.22 22.99
C PRO A 29 -10.55 -14.58 22.98
N GLU A 30 -11.34 -14.88 24.03
CA GLU A 30 -12.06 -16.15 24.12
C GLU A 30 -13.30 -16.20 23.22
N ASP A 31 -13.55 -15.10 22.49
CA ASP A 31 -14.66 -14.99 21.53
C ASP A 31 -14.24 -15.47 20.16
N PHE A 32 -12.94 -15.79 20.03
CA PHE A 32 -12.28 -16.20 18.78
C PHE A 32 -11.57 -17.52 18.89
N LYS A 33 -11.33 -18.12 17.71
CA LYS A 33 -10.55 -19.34 17.47
C LYS A 33 -9.38 -18.84 16.63
N PHE A 34 -8.18 -18.74 17.23
CA PHE A 34 -7.00 -18.26 16.50
C PHE A 34 -6.43 -19.32 15.58
N GLY A 35 -5.99 -18.90 14.41
CA GLY A 35 -5.41 -19.78 13.40
C GLY A 35 -4.01 -19.42 13.03
N LYS A 36 -3.59 -19.67 11.76
CA LYS A 36 -2.22 -19.37 11.31
C LYS A 36 -1.89 -17.89 11.40
N ILE A 37 -0.58 -17.58 11.46
CA ILE A 37 -0.06 -16.23 11.42
C ILE A 37 -0.06 -15.78 9.93
N LEU A 38 -0.62 -14.60 9.65
CA LEU A 38 -0.77 -13.99 8.32
C LEU A 38 0.28 -12.90 8.00
N GLY A 39 1.29 -12.79 8.86
CA GLY A 39 2.36 -11.82 8.69
C GLY A 39 2.90 -11.32 10.01
N GLU A 40 4.24 -11.25 10.13
CA GLU A 40 4.88 -10.78 11.35
C GLU A 40 5.42 -9.36 11.17
N GLY A 41 6.06 -8.84 12.22
CA GLY A 41 6.63 -7.49 12.25
C GLY A 41 7.44 -7.25 13.50
N SER A 42 8.05 -6.05 13.63
CA SER A 42 8.85 -5.66 14.79
C SER A 42 8.01 -5.69 16.06
N PHE A 43 6.86 -4.98 16.03
CA PHE A 43 5.97 -4.84 17.18
C PHE A 43 4.63 -5.57 17.00
N SER A 44 4.39 -6.15 15.81
CA SER A 44 3.11 -6.84 15.61
C SER A 44 3.21 -8.21 14.94
N THR A 45 2.10 -8.95 15.04
CA THR A 45 1.89 -10.25 14.39
C THR A 45 0.42 -10.29 14.04
N VAL A 46 0.12 -10.52 12.77
CA VAL A 46 -1.27 -10.60 12.32
C VAL A 46 -1.63 -12.07 12.24
N VAL A 47 -2.67 -12.50 13.00
CA VAL A 47 -3.17 -13.89 13.14
C VAL A 47 -4.56 -14.01 12.48
N LEU A 48 -4.79 -15.14 11.80
CA LEU A 48 -6.08 -15.41 11.18
C LEU A 48 -6.90 -15.82 12.37
N ALA A 49 -8.06 -15.18 12.60
CA ALA A 49 -8.89 -15.52 13.76
C ALA A 49 -10.32 -15.71 13.32
N ARG A 50 -11.02 -16.75 13.78
CA ARG A 50 -12.45 -16.90 13.46
C ARG A 50 -13.27 -16.48 14.67
N GLU A 51 -14.32 -15.68 14.47
CA GLU A 51 -15.22 -15.25 15.53
C GLU A 51 -16.19 -16.40 15.74
N LEU A 52 -16.40 -16.85 16.98
CA LEU A 52 -17.22 -18.02 17.28
C LEU A 52 -18.76 -17.85 17.04
N ALA A 53 -19.41 -16.81 17.60
CA ALA A 53 -20.86 -16.55 17.49
C ALA A 53 -21.40 -16.41 16.07
N THR A 54 -20.63 -15.71 15.24
CA THR A 54 -20.97 -15.34 13.88
C THR A 54 -20.20 -16.17 12.84
N SER A 55 -19.12 -16.84 13.23
CA SER A 55 -18.28 -17.65 12.30
C SER A 55 -17.53 -16.80 11.20
N ARG A 56 -17.52 -15.45 11.30
CA ARG A 56 -16.78 -14.56 10.37
C ARG A 56 -15.27 -14.65 10.65
N GLU A 57 -14.44 -14.66 9.59
CA GLU A 57 -12.98 -14.69 9.73
C GLU A 57 -12.41 -13.27 9.67
N TYR A 58 -11.61 -12.86 10.68
CA TYR A 58 -10.91 -11.56 10.68
C TYR A 58 -9.43 -11.84 10.84
N ALA A 59 -8.63 -10.89 10.37
CA ALA A 59 -7.18 -10.89 10.48
C ALA A 59 -6.88 -9.97 11.62
N ILE A 60 -6.45 -10.55 12.76
CA ILE A 60 -6.19 -9.79 13.96
C ILE A 60 -4.73 -9.39 14.12
N LYS A 61 -4.50 -8.08 14.31
CA LYS A 61 -3.16 -7.57 14.55
C LYS A 61 -3.01 -7.51 16.05
N ILE A 62 -2.11 -8.32 16.58
CA ILE A 62 -1.82 -8.39 18.00
C ILE A 62 -0.50 -7.69 18.23
N LEU A 63 -0.47 -6.75 19.21
CA LEU A 63 0.68 -5.93 19.59
C LEU A 63 0.89 -6.03 21.09
N GLU A 64 2.10 -6.38 21.54
CA GLU A 64 2.47 -6.48 22.96
C GLU A 64 2.78 -5.09 23.53
N LYS A 65 1.94 -4.65 24.48
CA LYS A 65 2.03 -3.36 25.17
C LYS A 65 3.43 -2.97 25.66
N ARG A 66 4.19 -3.91 26.29
CA ARG A 66 5.52 -3.60 26.82
C ARG A 66 6.57 -3.36 25.73
N HIS A 67 6.61 -4.16 24.63
CA HIS A 67 7.56 -3.93 23.54
C HIS A 67 7.31 -2.54 22.91
N ILE A 68 6.04 -2.10 22.82
CA ILE A 68 5.62 -0.79 22.30
C ILE A 68 6.15 0.34 23.18
N ILE A 69 6.04 0.19 24.51
CA ILE A 69 6.47 1.22 25.48
C ILE A 69 7.99 1.33 25.47
N LYS A 70 8.69 0.21 25.71
CA LYS A 70 10.15 0.08 25.65
C LYS A 70 10.74 0.65 24.35
N GLU A 71 10.00 0.57 23.24
CA GLU A 71 10.51 1.06 21.96
C GLU A 71 9.86 2.36 21.44
N ASN A 72 9.14 3.10 22.32
CA ASN A 72 8.48 4.40 22.04
C ASN A 72 7.68 4.36 20.76
N LYS A 73 6.66 3.51 20.78
CA LYS A 73 5.83 3.35 19.62
C LYS A 73 4.38 3.72 19.92
N VAL A 74 4.08 4.18 21.17
CA VAL A 74 2.73 4.59 21.59
C VAL A 74 2.18 5.63 20.59
N PRO A 75 2.91 6.70 20.17
CA PRO A 75 2.35 7.57 19.12
C PRO A 75 2.11 6.85 17.77
N TYR A 76 2.92 5.84 17.38
CA TYR A 76 2.73 5.07 16.13
C TYR A 76 1.52 4.12 16.18
N VAL A 77 1.15 3.60 17.36
CA VAL A 77 0.01 2.69 17.48
C VAL A 77 -1.25 3.54 17.55
N THR A 78 -1.24 4.58 18.39
CA THR A 78 -2.31 5.55 18.53
C THR A 78 -2.72 6.05 17.14
N ARG A 79 -1.75 6.61 16.38
CA ARG A 79 -1.94 7.11 15.00
C ARG A 79 -2.65 6.06 14.11
N GLU A 80 -2.12 4.83 14.00
CA GLU A 80 -2.69 3.72 13.21
C GLU A 80 -4.18 3.58 13.47
N ARG A 81 -4.59 3.42 14.74
CA ARG A 81 -5.98 3.32 15.20
C ARG A 81 -6.76 4.59 14.80
N ASP A 82 -6.19 5.80 14.99
CA ASP A 82 -6.83 7.06 14.60
C ASP A 82 -7.08 7.12 13.08
N VAL A 83 -6.08 6.66 12.28
CA VAL A 83 -6.05 6.64 10.83
C VAL A 83 -7.04 5.64 10.24
N MET A 84 -6.98 4.38 10.71
CA MET A 84 -7.83 3.28 10.26
C MET A 84 -9.29 3.56 10.55
N SER A 85 -9.60 4.14 11.72
CA SER A 85 -10.97 4.44 12.16
C SER A 85 -11.68 5.51 11.32
N ARG A 86 -10.94 6.12 10.39
CA ARG A 86 -11.44 7.17 9.52
C ARG A 86 -11.51 6.73 8.07
N LEU A 87 -11.00 5.52 7.76
CA LEU A 87 -11.10 5.02 6.40
C LEU A 87 -12.46 4.33 6.28
N ASP A 88 -13.14 4.58 5.15
CA ASP A 88 -14.41 3.94 4.82
C ASP A 88 -14.46 3.90 3.30
N HIS A 89 -13.72 2.93 2.70
CA HIS A 89 -13.58 2.75 1.25
C HIS A 89 -13.23 1.28 0.99
N PRO A 90 -13.80 0.64 -0.07
CA PRO A 90 -13.50 -0.79 -0.32
C PRO A 90 -12.04 -1.11 -0.55
N PHE A 91 -11.27 -0.15 -1.10
CA PHE A 91 -9.86 -0.43 -1.43
C PHE A 91 -8.93 -0.40 -0.21
N PHE A 92 -9.50 -0.17 0.98
CA PHE A 92 -8.73 -0.17 2.21
C PHE A 92 -9.27 -1.26 3.09
N VAL A 93 -8.39 -1.79 3.93
CA VAL A 93 -8.70 -2.77 4.95
C VAL A 93 -9.46 -1.96 6.04
N LYS A 94 -10.54 -2.50 6.57
CA LYS A 94 -11.35 -1.87 7.64
C LYS A 94 -10.85 -2.37 8.97
N LEU A 95 -11.13 -1.63 10.08
CA LEU A 95 -10.85 -1.94 11.49
C LEU A 95 -12.22 -2.20 12.05
N TYR A 96 -12.51 -3.43 12.55
CA TYR A 96 -13.87 -3.75 12.95
C TYR A 96 -14.09 -3.55 14.39
N PHE A 97 -13.05 -3.75 15.15
CA PHE A 97 -13.05 -3.67 16.59
C PHE A 97 -11.62 -3.64 16.99
N THR A 98 -11.37 -3.21 18.24
CA THR A 98 -10.08 -3.20 18.92
C THR A 98 -10.46 -3.69 20.32
N PHE A 99 -9.69 -4.56 20.94
CA PHE A 99 -9.91 -4.95 22.36
C PHE A 99 -8.53 -5.19 22.94
N GLN A 100 -8.38 -5.33 24.28
CA GLN A 100 -7.07 -5.62 24.88
C GLN A 100 -7.14 -6.52 26.14
N ASP A 101 -6.01 -7.13 26.49
CA ASP A 101 -5.94 -7.94 27.70
C ASP A 101 -4.94 -7.25 28.63
N ASP A 102 -4.33 -7.96 29.59
CA ASP A 102 -3.37 -7.25 30.47
C ASP A 102 -1.98 -6.97 29.84
N GLU A 103 -1.64 -7.62 28.70
CA GLU A 103 -0.33 -7.47 28.07
C GLU A 103 -0.31 -7.17 26.58
N LYS A 104 -1.41 -7.47 25.86
CA LYS A 104 -1.54 -7.30 24.41
C LYS A 104 -2.69 -6.39 24.00
N LEU A 105 -2.55 -5.71 22.84
CA LEU A 105 -3.55 -4.90 22.13
C LEU A 105 -4.04 -5.70 20.92
N TYR A 106 -5.35 -5.66 20.59
CA TYR A 106 -5.85 -6.41 19.42
C TYR A 106 -6.66 -5.50 18.51
N PHE A 107 -6.23 -5.30 17.24
CA PHE A 107 -6.96 -4.53 16.25
C PHE A 107 -7.50 -5.53 15.26
N GLY A 108 -8.80 -5.77 15.31
CA GLY A 108 -9.45 -6.69 14.39
C GLY A 108 -9.60 -6.06 13.03
N LEU A 109 -8.98 -6.66 12.00
CA LEU A 109 -8.98 -6.09 10.64
C LEU A 109 -9.52 -7.05 9.61
N SER A 110 -9.91 -6.53 8.40
CA SER A 110 -10.43 -7.32 7.29
C SER A 110 -9.44 -8.38 6.91
N TYR A 111 -9.90 -9.62 6.67
CA TYR A 111 -9.10 -10.75 6.22
C TYR A 111 -9.13 -10.78 4.67
N ALA A 112 -7.95 -10.61 4.05
CA ALA A 112 -7.79 -10.62 2.60
C ALA A 112 -7.19 -11.94 2.15
N LYS A 113 -8.08 -12.88 1.83
CA LYS A 113 -7.84 -14.28 1.46
C LYS A 113 -6.81 -14.49 0.39
N ASN A 114 -6.69 -13.57 -0.59
CA ASN A 114 -5.72 -13.84 -1.66
C ASN A 114 -4.35 -13.31 -1.34
N GLY A 115 -4.19 -12.66 -0.20
CA GLY A 115 -2.88 -12.21 0.25
C GLY A 115 -2.29 -11.09 -0.57
N GLU A 116 -0.98 -10.88 -0.41
CA GLU A 116 -0.19 -9.81 -0.99
C GLU A 116 -0.23 -9.82 -2.50
N LEU A 117 -0.25 -8.62 -3.13
CA LEU A 117 -0.19 -8.49 -4.58
C LEU A 117 1.15 -9.01 -5.13
N LEU A 118 2.25 -8.77 -4.38
CA LEU A 118 3.64 -9.14 -4.74
C LEU A 118 3.78 -10.59 -5.19
N LYS A 119 3.00 -11.50 -4.55
CA LYS A 119 2.94 -12.93 -4.80
C LYS A 119 2.45 -13.20 -6.23
N TYR A 120 1.31 -12.57 -6.62
CA TYR A 120 0.72 -12.70 -7.96
C TYR A 120 1.67 -12.18 -9.03
N ILE A 121 2.49 -11.16 -8.69
CA ILE A 121 3.50 -10.65 -9.62
C ILE A 121 4.58 -11.75 -9.77
N ARG A 122 5.15 -12.23 -8.64
CA ARG A 122 6.15 -13.28 -8.60
C ARG A 122 5.71 -14.61 -9.25
N LYS A 123 4.41 -14.95 -9.16
CA LYS A 123 3.92 -16.22 -9.71
C LYS A 123 3.57 -16.13 -11.20
N ILE A 124 3.20 -14.94 -11.71
CA ILE A 124 2.86 -14.84 -13.13
C ILE A 124 4.01 -14.18 -13.92
N GLY A 125 5.02 -13.70 -13.19
CA GLY A 125 6.18 -13.03 -13.77
C GLY A 125 5.90 -11.56 -13.91
N SER A 126 4.98 -11.20 -14.82
CA SER A 126 4.59 -9.81 -15.11
C SER A 126 3.17 -9.74 -15.68
N PHE A 127 2.42 -8.71 -15.27
CA PHE A 127 1.04 -8.50 -15.69
C PHE A 127 0.91 -8.04 -17.15
N ASP A 128 -0.17 -8.47 -17.85
CA ASP A 128 -0.49 -8.03 -19.21
C ASP A 128 -1.00 -6.61 -19.09
N GLU A 129 -1.23 -5.89 -20.21
CA GLU A 129 -1.66 -4.49 -20.17
C GLU A 129 -3.00 -4.32 -19.46
N THR A 130 -3.99 -5.19 -19.72
CA THR A 130 -5.28 -5.08 -19.04
C THR A 130 -5.13 -5.15 -17.52
N CYS A 131 -4.46 -6.20 -17.01
CA CYS A 131 -4.22 -6.42 -15.58
C CYS A 131 -3.46 -5.29 -14.95
N THR A 132 -2.47 -4.71 -15.65
CA THR A 132 -1.76 -3.52 -15.19
C THR A 132 -2.73 -2.32 -15.20
N ARG A 133 -3.57 -2.19 -16.22
CA ARG A 133 -4.53 -1.08 -16.24
C ARG A 133 -5.54 -1.20 -15.09
N PHE A 134 -6.14 -2.37 -14.88
CA PHE A 134 -7.10 -2.53 -13.80
C PHE A 134 -6.52 -2.25 -12.41
N TYR A 135 -5.43 -2.92 -12.03
CA TYR A 135 -4.83 -2.80 -10.71
C TYR A 135 -4.19 -1.47 -10.48
N THR A 136 -3.52 -0.87 -11.50
CA THR A 136 -2.96 0.46 -11.35
C THR A 136 -4.10 1.43 -11.06
N ALA A 137 -5.25 1.33 -11.77
CA ALA A 137 -6.44 2.16 -11.60
C ALA A 137 -6.98 2.13 -10.19
N GLU A 138 -7.14 0.94 -9.59
CA GLU A 138 -7.65 0.87 -8.22
C GLU A 138 -6.59 1.47 -7.29
N ILE A 139 -5.32 1.08 -7.41
CA ILE A 139 -4.28 1.74 -6.57
C ILE A 139 -4.41 3.26 -6.69
N VAL A 140 -4.42 3.80 -7.94
CA VAL A 140 -4.61 5.23 -8.25
C VAL A 140 -5.92 5.74 -7.62
N SER A 141 -6.99 4.95 -7.66
CA SER A 141 -8.29 5.34 -7.09
C SER A 141 -8.28 5.43 -5.58
N ALA A 142 -7.60 4.49 -4.90
CA ALA A 142 -7.45 4.40 -3.45
C ALA A 142 -6.67 5.59 -2.92
N LEU A 143 -5.51 5.94 -3.56
CA LEU A 143 -4.70 7.09 -3.12
C LEU A 143 -5.42 8.43 -3.29
N GLU A 144 -6.43 8.49 -4.17
CA GLU A 144 -7.15 9.75 -4.34
C GLU A 144 -8.07 9.94 -3.13
N TYR A 145 -8.66 8.82 -2.58
CA TYR A 145 -9.52 8.84 -1.37
C TYR A 145 -8.74 9.18 -0.14
N LEU A 146 -7.59 8.53 0.01
CA LEU A 146 -6.65 8.65 1.13
C LEU A 146 -6.09 10.04 1.18
N HIS A 147 -5.45 10.48 0.09
CA HIS A 147 -4.94 11.85 0.00
C HIS A 147 -6.07 12.86 0.02
N GLY A 148 -7.28 12.42 -0.32
CA GLY A 148 -8.45 13.28 -0.30
C GLY A 148 -8.83 13.62 1.14
N LYS A 149 -8.44 12.72 2.09
CA LYS A 149 -8.70 12.80 3.53
C LYS A 149 -7.56 13.50 4.29
N GLY A 150 -6.41 13.61 3.64
CA GLY A 150 -5.22 14.21 4.22
C GLY A 150 -4.29 13.21 4.88
N ILE A 151 -4.47 11.93 4.56
CA ILE A 151 -3.65 10.85 5.11
C ILE A 151 -2.63 10.41 4.05
N ILE A 152 -1.37 10.14 4.49
CA ILE A 152 -0.27 9.65 3.64
C ILE A 152 0.26 8.34 4.20
N HIS A 153 0.36 7.34 3.33
CA HIS A 153 0.80 6.02 3.66
C HIS A 153 2.28 5.94 4.09
N ARG A 154 3.19 6.60 3.33
CA ARG A 154 4.66 6.67 3.56
C ARG A 154 5.39 5.31 3.47
N ASP A 155 4.65 4.20 3.23
CA ASP A 155 5.26 2.89 3.12
C ASP A 155 4.49 2.00 2.13
N LEU A 156 3.98 2.60 1.07
CA LEU A 156 3.25 1.86 0.09
C LEU A 156 4.16 0.92 -0.67
N LYS A 157 3.76 -0.34 -0.81
CA LYS A 157 4.50 -1.40 -1.49
C LYS A 157 3.57 -2.58 -1.83
N PRO A 158 3.95 -3.45 -2.80
CA PRO A 158 3.09 -4.60 -3.15
C PRO A 158 2.83 -5.66 -2.05
N GLU A 159 3.49 -5.52 -0.90
CA GLU A 159 3.36 -6.39 0.27
C GLU A 159 2.19 -5.86 1.18
N ASN A 160 1.78 -4.56 0.97
CA ASN A 160 0.71 -3.85 1.68
C ASN A 160 -0.58 -3.84 0.89
N ILE A 161 -0.49 -4.07 -0.40
CA ILE A 161 -1.66 -4.05 -1.26
C ILE A 161 -2.09 -5.52 -1.36
N LEU A 162 -3.20 -5.88 -0.71
CA LEU A 162 -3.67 -7.29 -0.64
C LEU A 162 -4.78 -7.53 -1.63
N LEU A 163 -5.23 -8.81 -1.80
CA LEU A 163 -6.34 -9.09 -2.71
C LEU A 163 -7.51 -9.89 -2.06
N ASN A 164 -8.77 -9.35 -2.02
CA ASN A 164 -9.88 -10.08 -1.37
C ASN A 164 -10.41 -11.25 -2.19
N GLU A 165 -11.47 -11.91 -1.71
CA GLU A 165 -12.08 -13.07 -2.37
C GLU A 165 -12.41 -12.78 -3.82
N ASP A 166 -12.91 -11.56 -4.08
CA ASP A 166 -13.28 -11.08 -5.39
C ASP A 166 -12.10 -10.54 -6.20
N MET A 167 -10.88 -10.63 -5.67
CA MET A 167 -9.66 -10.19 -6.34
C MET A 167 -9.55 -8.64 -6.51
N HIS A 168 -10.22 -7.86 -5.61
CA HIS A 168 -10.07 -6.42 -5.64
C HIS A 168 -8.95 -6.11 -4.64
N ILE A 169 -8.22 -4.97 -4.84
CA ILE A 169 -7.13 -4.62 -3.92
C ILE A 169 -7.69 -4.19 -2.57
N GLN A 170 -6.89 -4.38 -1.50
CA GLN A 170 -7.23 -3.96 -0.14
C GLN A 170 -5.91 -3.51 0.47
N ILE A 171 -5.74 -2.19 0.68
CA ILE A 171 -4.50 -1.62 1.21
C ILE A 171 -4.53 -1.56 2.74
N THR A 172 -3.43 -2.09 3.35
CA THR A 172 -3.21 -2.24 4.78
C THR A 172 -1.92 -1.52 5.29
N ASP A 173 -1.36 -1.98 6.45
CA ASP A 173 -0.15 -1.49 7.13
C ASP A 173 -0.17 0.03 7.34
N PHE A 174 -0.97 0.49 8.27
CA PHE A 174 -1.12 1.92 8.53
C PHE A 174 -0.36 2.41 9.71
N GLY A 175 0.56 1.59 10.19
CA GLY A 175 1.38 1.91 11.35
C GLY A 175 2.26 3.13 11.17
N THR A 176 2.75 3.35 9.94
CA THR A 176 3.65 4.44 9.63
C THR A 176 2.96 5.60 8.91
N ALA A 177 1.62 5.54 8.77
CA ALA A 177 0.80 6.57 8.12
C ALA A 177 0.88 7.93 8.82
N LYS A 178 0.74 9.00 8.04
CA LYS A 178 0.79 10.36 8.57
C LYS A 178 -0.45 11.13 8.19
N VAL A 179 -1.00 11.89 9.13
CA VAL A 179 -2.15 12.75 8.92
C VAL A 179 -1.57 14.15 8.80
N LEU A 180 -1.77 14.82 7.67
CA LEU A 180 -1.19 16.16 7.45
C LEU A 180 -1.82 17.26 8.32
N PHE A 192 10.00 9.62 9.75
CA PHE A 192 9.91 8.25 9.22
C PHE A 192 10.41 8.09 7.77
N VAL A 193 10.94 6.89 7.44
CA VAL A 193 11.43 6.47 6.13
C VAL A 193 11.02 4.98 5.89
N GLY A 194 10.29 4.72 4.82
CA GLY A 194 9.78 3.38 4.49
C GLY A 194 10.80 2.40 3.93
N THR A 195 10.28 1.35 3.24
CA THR A 195 11.05 0.29 2.61
C THR A 195 11.95 0.83 1.52
N ALA A 196 13.25 0.57 1.66
CA ALA A 196 14.36 0.97 0.77
C ALA A 196 14.00 1.12 -0.73
N GLN A 197 13.61 0.03 -1.41
CA GLN A 197 13.30 0.02 -2.86
C GLN A 197 12.23 1.00 -3.34
N TYR A 198 11.30 1.44 -2.48
CA TYR A 198 10.22 2.34 -2.87
C TYR A 198 10.32 3.74 -2.22
N VAL A 199 11.52 4.09 -1.67
CA VAL A 199 11.79 5.40 -1.06
C VAL A 199 11.93 6.45 -2.18
N SER A 200 11.72 7.76 -1.86
CA SER A 200 11.80 8.85 -2.83
C SER A 200 12.99 9.81 -2.57
N PRO A 201 13.55 10.47 -3.63
CA PRO A 201 14.69 11.37 -3.41
C PRO A 201 14.50 12.37 -2.27
N GLU A 202 13.35 13.05 -2.24
CA GLU A 202 13.02 14.05 -1.21
C GLU A 202 13.29 13.51 0.22
N LEU A 203 12.94 12.24 0.49
CA LEU A 203 13.17 11.56 1.77
C LEU A 203 14.63 11.30 2.05
N LEU A 204 15.42 11.02 1.00
CA LEU A 204 16.85 10.78 1.11
C LEU A 204 17.67 12.09 1.12
N THR A 205 16.98 13.24 1.20
CA THR A 205 17.59 14.56 1.18
C THR A 205 17.05 15.47 2.27
N GLU A 206 15.87 16.03 2.03
CA GLU A 206 15.18 16.99 2.87
C GLU A 206 14.79 16.46 4.25
N LYS A 207 14.32 15.18 4.31
CA LYS A 207 13.78 14.49 5.49
C LYS A 207 12.32 15.01 5.62
N SER A 208 11.57 14.92 4.51
CA SER A 208 10.19 15.40 4.39
C SER A 208 9.34 14.60 3.37
N ALA A 209 8.32 13.85 3.85
CA ALA A 209 7.40 13.10 2.99
C ALA A 209 6.06 13.83 2.81
N CYS A 210 5.62 13.95 1.56
CA CYS A 210 4.38 14.60 1.15
C CYS A 210 3.58 13.55 0.37
N LYS A 211 2.42 13.93 -0.20
CA LYS A 211 1.60 13.00 -0.99
C LYS A 211 2.44 12.40 -2.13
N SER A 212 3.38 13.21 -2.70
CA SER A 212 4.33 12.87 -3.78
C SER A 212 5.23 11.71 -3.43
N SER A 213 5.36 11.41 -2.13
CA SER A 213 6.15 10.26 -1.68
C SER A 213 5.34 9.00 -2.05
N ASP A 214 3.98 9.05 -1.88
CA ASP A 214 3.09 7.94 -2.28
C ASP A 214 3.07 7.80 -3.83
N LEU A 215 2.96 8.93 -4.58
CA LEU A 215 3.02 8.95 -6.05
C LEU A 215 4.33 8.37 -6.60
N TRP A 216 5.48 8.58 -5.92
CA TRP A 216 6.74 7.89 -6.28
C TRP A 216 6.60 6.38 -6.09
N ALA A 217 6.03 5.93 -4.95
CA ALA A 217 5.88 4.49 -4.67
C ALA A 217 5.01 3.89 -5.74
N LEU A 218 3.93 4.60 -6.11
CA LEU A 218 2.98 4.26 -7.17
C LEU A 218 3.75 4.08 -8.46
N GLY A 219 4.62 5.03 -8.79
CA GLY A 219 5.47 4.97 -9.98
C GLY A 219 6.32 3.73 -9.93
N CYS A 220 6.98 3.46 -8.77
CA CYS A 220 7.76 2.24 -8.54
C CYS A 220 6.95 0.94 -8.78
N ILE A 221 5.75 0.83 -8.19
CA ILE A 221 4.78 -0.29 -8.31
C ILE A 221 4.29 -0.52 -9.71
N ILE A 222 4.16 0.52 -10.56
CA ILE A 222 3.67 0.34 -11.94
C ILE A 222 4.69 -0.44 -12.71
N TYR A 223 5.95 0.06 -12.72
CA TYR A 223 7.13 -0.56 -13.34
C TYR A 223 7.10 -2.07 -13.03
N GLN A 224 7.03 -2.43 -11.73
CA GLN A 224 6.95 -3.79 -11.18
C GLN A 224 5.79 -4.63 -11.70
N LEU A 225 4.65 -3.99 -12.04
CA LEU A 225 3.53 -4.75 -12.56
C LEU A 225 3.82 -5.21 -14.02
N VAL A 226 4.37 -4.32 -14.87
CA VAL A 226 4.71 -4.57 -16.29
C VAL A 226 6.00 -5.38 -16.45
N ALA A 227 7.01 -4.95 -15.70
CA ALA A 227 8.35 -5.46 -15.80
C ALA A 227 8.60 -6.71 -14.99
N GLY A 228 7.99 -6.79 -13.81
CA GLY A 228 8.16 -7.88 -12.87
C GLY A 228 8.97 -7.47 -11.66
N LEU A 229 9.99 -6.67 -11.87
CA LEU A 229 10.90 -6.34 -10.78
C LEU A 229 10.86 -4.88 -10.47
N PRO A 230 11.18 -4.46 -9.22
CA PRO A 230 11.19 -3.03 -8.92
C PRO A 230 12.16 -2.23 -9.81
N PRO A 231 11.95 -0.92 -10.03
CA PRO A 231 12.88 -0.16 -10.92
C PRO A 231 14.31 -0.05 -10.41
N PHE A 232 14.49 0.28 -9.14
CA PHE A 232 15.80 0.46 -8.56
C PHE A 232 16.20 -0.84 -7.86
N ARG A 233 17.30 -1.44 -8.32
CA ARG A 233 17.81 -2.70 -7.75
C ARG A 233 19.31 -2.63 -7.59
N ALA A 234 19.86 -3.18 -6.47
CA ALA A 234 21.30 -3.17 -6.13
C ALA A 234 21.69 -4.12 -4.99
N GLY A 235 23.01 -4.31 -4.79
CA GLY A 235 23.59 -5.20 -3.79
C GLY A 235 23.24 -4.91 -2.33
N ASN A 236 23.07 -3.62 -1.98
CA ASN A 236 22.73 -3.21 -0.61
C ASN A 236 21.90 -1.94 -0.61
N GLU A 237 21.37 -1.57 0.56
CA GLU A 237 20.58 -0.36 0.76
C GLU A 237 21.29 0.94 0.29
N TYR A 238 22.61 1.09 0.61
CA TYR A 238 23.31 2.31 0.20
C TYR A 238 23.37 2.44 -1.30
N LEU A 239 23.69 1.34 -2.02
CA LEU A 239 23.74 1.34 -3.48
C LEU A 239 22.36 1.57 -4.10
N ILE A 240 21.28 1.11 -3.44
CA ILE A 240 19.93 1.39 -3.95
C ILE A 240 19.65 2.89 -3.84
N PHE A 241 19.96 3.50 -2.66
CA PHE A 241 19.70 4.90 -2.34
C PHE A 241 20.42 5.83 -3.29
N GLN A 242 21.64 5.44 -3.66
CA GLN A 242 22.49 6.14 -4.60
C GLN A 242 21.94 5.96 -6.02
N LYS A 243 21.33 4.78 -6.30
CA LYS A 243 20.71 4.53 -7.62
C LYS A 243 19.37 5.30 -7.72
N ILE A 244 18.67 5.51 -6.58
CA ILE A 244 17.42 6.26 -6.53
C ILE A 244 17.67 7.74 -6.82
N ILE A 245 18.49 8.42 -5.97
CA ILE A 245 18.79 9.86 -6.03
C ILE A 245 19.40 10.34 -7.40
N LYS A 246 20.04 9.43 -8.15
CA LYS A 246 20.61 9.69 -9.47
C LYS A 246 19.59 9.32 -10.58
N LEU A 247 18.44 8.73 -10.19
CA LEU A 247 17.36 8.26 -11.08
C LEU A 247 17.91 7.21 -12.05
N GLU A 248 18.73 6.30 -11.49
CA GLU A 248 19.45 5.26 -12.21
C GLU A 248 18.59 3.98 -12.45
N TYR A 249 17.70 4.06 -13.45
CA TYR A 249 16.82 2.96 -13.85
C TYR A 249 16.51 3.02 -15.36
N ASP A 250 16.29 1.84 -15.96
CA ASP A 250 16.06 1.67 -17.40
C ASP A 250 15.04 0.59 -17.69
N PHE A 251 13.98 0.98 -18.42
CA PHE A 251 12.82 0.18 -18.79
C PHE A 251 13.15 -0.98 -19.70
N PRO A 252 12.57 -2.18 -19.45
CA PRO A 252 12.76 -3.30 -20.38
C PRO A 252 12.23 -2.93 -21.78
N GLU A 253 12.90 -3.44 -22.84
CA GLU A 253 12.55 -3.14 -24.24
C GLU A 253 11.08 -3.50 -24.62
N LYS A 254 10.39 -4.34 -23.81
CA LYS A 254 8.99 -4.70 -24.03
C LYS A 254 8.08 -4.20 -22.89
N PHE A 255 8.09 -2.88 -22.70
CA PHE A 255 7.27 -2.17 -21.72
C PHE A 255 6.20 -1.40 -22.47
N PHE A 256 4.93 -1.50 -22.00
CA PHE A 256 3.79 -0.80 -22.61
C PHE A 256 4.16 0.68 -22.72
N PRO A 257 4.17 1.28 -23.94
CA PRO A 257 4.66 2.66 -24.08
C PRO A 257 3.89 3.69 -23.27
N LYS A 258 2.57 3.58 -23.23
CA LYS A 258 1.74 4.47 -22.42
C LYS A 258 2.06 4.33 -20.92
N ALA A 259 2.28 3.09 -20.47
CA ALA A 259 2.65 2.79 -19.10
C ALA A 259 4.05 3.35 -18.83
N ARG A 260 4.96 3.27 -19.82
CA ARG A 260 6.31 3.83 -19.65
C ARG A 260 6.24 5.34 -19.45
N ASP A 261 5.52 6.02 -20.36
CA ASP A 261 5.35 7.47 -20.31
C ASP A 261 4.78 7.92 -18.97
N LEU A 262 3.77 7.14 -18.41
CA LEU A 262 3.16 7.38 -17.09
C LEU A 262 4.20 7.15 -15.98
N VAL A 263 5.03 6.10 -16.11
CA VAL A 263 6.07 5.84 -15.11
C VAL A 263 7.04 7.03 -15.13
N GLU A 264 7.51 7.49 -16.31
CA GLU A 264 8.44 8.63 -16.43
C GLU A 264 7.88 9.91 -15.77
N LYS A 265 6.53 9.98 -15.60
CA LYS A 265 5.81 11.13 -15.08
C LYS A 265 5.67 11.13 -13.62
N LEU A 266 5.69 9.93 -12.99
CA LEU A 266 5.59 9.76 -11.54
C LEU A 266 6.98 9.71 -10.96
N LEU A 267 7.96 9.21 -11.72
CA LEU A 267 9.34 9.05 -11.26
C LEU A 267 10.23 10.25 -11.70
N VAL A 268 9.85 11.43 -11.21
CA VAL A 268 10.52 12.71 -11.45
C VAL A 268 11.23 13.04 -10.15
N LEU A 269 12.52 13.43 -10.23
CA LEU A 269 13.29 13.80 -9.04
C LEU A 269 12.62 14.90 -8.24
N ASP A 270 12.15 15.96 -8.94
CA ASP A 270 11.46 17.13 -8.38
C ASP A 270 10.06 16.70 -7.97
N ALA A 271 9.79 16.71 -6.66
CA ALA A 271 8.52 16.33 -6.07
C ALA A 271 7.35 17.21 -6.49
N THR A 272 7.58 18.48 -6.84
CA THR A 272 6.46 19.33 -7.25
C THR A 272 6.04 19.08 -8.69
N LYS A 273 6.86 18.36 -9.46
CA LYS A 273 6.56 18.04 -10.85
C LYS A 273 6.07 16.62 -11.00
N ARG A 274 5.31 16.08 -9.98
CA ARG A 274 4.82 14.69 -10.02
C ARG A 274 3.36 14.58 -10.39
N LEU A 275 3.02 13.84 -11.46
CA LEU A 275 1.62 13.66 -11.90
C LEU A 275 0.80 13.21 -10.72
N GLY A 276 -0.33 13.85 -10.51
CA GLY A 276 -1.18 13.52 -9.37
C GLY A 276 -1.00 14.44 -8.20
N CYS A 277 0.14 15.20 -8.11
CA CYS A 277 0.32 16.10 -6.98
C CYS A 277 -0.45 17.40 -7.16
N GLU A 278 -0.67 18.12 -6.06
CA GLU A 278 -1.49 19.34 -5.97
C GLU A 278 -0.93 20.51 -6.75
N GLU A 279 0.41 20.51 -6.99
CA GLU A 279 1.11 21.53 -7.76
C GLU A 279 0.93 21.26 -9.23
N MET A 280 0.52 20.03 -9.54
CA MET A 280 0.25 19.55 -10.91
C MET A 280 -1.25 19.42 -11.13
N GLU A 281 -2.05 19.95 -10.17
CA GLU A 281 -3.52 20.06 -10.20
C GLU A 281 -4.23 18.77 -9.86
N GLY A 282 -3.56 17.95 -9.06
CA GLY A 282 -4.15 16.74 -8.48
C GLY A 282 -4.38 15.52 -9.34
N TYR A 283 -5.34 14.70 -8.93
CA TYR A 283 -5.64 13.42 -9.54
C TYR A 283 -6.26 13.53 -10.92
N GLY A 284 -7.12 14.51 -11.15
CA GLY A 284 -7.72 14.73 -12.47
C GLY A 284 -6.78 14.38 -13.62
N PRO A 285 -5.72 15.19 -13.87
CA PRO A 285 -4.78 14.86 -14.96
C PRO A 285 -4.19 13.45 -14.90
N LEU A 286 -3.85 12.92 -13.70
CA LEU A 286 -3.32 11.55 -13.52
C LEU A 286 -4.35 10.55 -14.04
N LYS A 287 -5.62 10.79 -13.66
CA LYS A 287 -6.74 9.95 -14.03
C LYS A 287 -7.02 10.07 -15.52
N ALA A 288 -6.69 11.23 -16.12
CA ALA A 288 -6.85 11.60 -17.53
C ALA A 288 -5.70 11.14 -18.47
N HIS A 289 -4.63 10.55 -17.92
CA HIS A 289 -3.48 10.07 -18.68
C HIS A 289 -3.88 9.00 -19.72
N PRO A 290 -3.29 9.00 -20.95
CA PRO A 290 -3.68 8.00 -21.97
C PRO A 290 -3.74 6.55 -21.50
N PHE A 291 -2.78 6.06 -20.70
CA PHE A 291 -2.79 4.67 -20.22
C PHE A 291 -4.17 4.21 -19.67
N PHE A 292 -4.93 5.17 -19.15
CA PHE A 292 -6.24 5.00 -18.53
C PHE A 292 -7.47 5.37 -19.42
N GLU A 293 -7.27 5.57 -20.76
CA GLU A 293 -8.29 5.98 -21.74
C GLU A 293 -9.62 5.22 -21.63
N SER A 294 -9.54 3.91 -21.42
CA SER A 294 -10.66 2.97 -21.35
C SER A 294 -11.19 2.68 -19.93
N VAL A 295 -10.51 3.19 -18.90
CA VAL A 295 -10.88 2.99 -17.50
C VAL A 295 -12.10 3.81 -17.15
N THR A 296 -12.99 3.28 -16.30
CA THR A 296 -14.20 3.94 -15.83
C THR A 296 -14.11 3.97 -14.31
N TRP A 297 -13.48 5.04 -13.81
CA TRP A 297 -13.14 5.30 -12.42
C TRP A 297 -14.29 5.25 -11.40
N GLU A 298 -15.49 5.66 -11.82
CA GLU A 298 -16.71 5.82 -11.01
C GLU A 298 -17.13 4.58 -10.24
N ASN A 299 -17.20 3.40 -10.88
CA ASN A 299 -17.60 2.16 -10.20
C ASN A 299 -16.52 1.04 -10.20
N LEU A 300 -15.21 1.36 -10.16
CA LEU A 300 -14.14 0.36 -10.19
C LEU A 300 -14.40 -0.85 -9.27
N HIS A 301 -14.82 -0.62 -8.02
CA HIS A 301 -15.11 -1.68 -7.06
C HIS A 301 -16.32 -2.59 -7.46
N GLN A 302 -17.12 -2.14 -8.44
CA GLN A 302 -18.28 -2.89 -8.92
C GLN A 302 -17.96 -3.65 -10.21
N GLN A 303 -16.75 -3.44 -10.75
CA GLN A 303 -16.25 -4.03 -12.00
C GLN A 303 -15.67 -5.43 -11.78
N THR A 304 -15.70 -6.27 -12.84
CA THR A 304 -15.16 -7.64 -12.75
C THR A 304 -13.65 -7.54 -12.96
N PRO A 305 -12.78 -7.88 -11.98
CA PRO A 305 -11.33 -7.81 -12.22
C PRO A 305 -10.88 -8.78 -13.31
N PRO A 306 -9.81 -8.50 -14.09
CA PRO A 306 -9.43 -9.44 -15.16
C PRO A 306 -8.72 -10.67 -14.58
N LYS A 307 -8.74 -11.79 -15.33
CA LYS A 307 -8.07 -13.01 -14.88
C LYS A 307 -6.54 -12.86 -15.05
N LEU A 308 -5.77 -13.23 -14.02
CA LEU A 308 -4.31 -13.14 -14.09
C LEU A 308 -3.69 -14.35 -14.84
#